data_8QAD
#
_entry.id   8QAD
#
_cell.length_a   34.549
_cell.length_b   60.875
_cell.length_c   77.949
_cell.angle_alpha   90.000
_cell.angle_beta   90.000
_cell.angle_gamma   90.000
#
_symmetry.space_group_name_H-M   'P 21 21 21'
#
loop_
_entity.id
_entity.type
_entity.pdbx_description
1 polymer sc-apCC-6-LLIA
2 non-polymer 'DODECAETHYLENE GLYCOL'
3 water water
#
_entity_poly.entity_id   1
_entity_poly.type   'polypeptide(L)'
_entity_poly.pdbx_seq_one_letter_code
;MGSSHHHHHHSSGLVPRGSHMMGLLEEIAQLLEEIAKLLKKIAWLLKKIAQGAQPLEMLLEEIAQLLEEIAKLLKKIAWL
LKKIAQTTETKKQGDLLEEIAQLLEEIAKLLKKIAWLLKKIAQGYGDKRTLLEEIAQLLEEIAKLLKKIAWLLKKIAQVA
PTQRHRYLLEEIAQLLEEIAKLLKKIAWLLKKIAQLLGGDSLLKSLLEEIAQLLEEIAKLLKKIAWLLKKIAQG
;
_entity_poly.pdbx_strand_id   A
#
# COMPACT_ATOMS: atom_id res chain seq x y z
N LEU A 25 -2.04 16.29 -10.27
CA LEU A 25 -1.90 15.44 -11.45
C LEU A 25 -0.51 14.82 -11.50
N GLU A 26 0.48 15.61 -11.92
CA GLU A 26 1.85 15.10 -12.02
C GLU A 26 2.45 14.88 -10.64
N GLU A 27 2.13 15.75 -9.69
CA GLU A 27 2.69 15.61 -8.34
C GLU A 27 2.22 14.31 -7.71
N ILE A 28 0.91 14.05 -7.74
CA ILE A 28 0.39 12.81 -7.17
C ILE A 28 1.03 11.61 -7.85
N ALA A 29 1.32 11.70 -9.15
CA ALA A 29 1.96 10.60 -9.85
C ALA A 29 3.36 10.35 -9.30
N GLN A 30 4.12 11.41 -9.04
CA GLN A 30 5.47 11.24 -8.51
C GLN A 30 5.44 10.61 -7.13
N LEU A 31 4.44 10.96 -6.30
CA LEU A 31 4.34 10.36 -4.99
C LEU A 31 3.96 8.88 -5.07
N LEU A 32 3.20 8.48 -6.09
CA LEU A 32 2.89 7.07 -6.27
C LEU A 32 4.13 6.28 -6.65
N GLU A 33 4.94 6.82 -7.57
CA GLU A 33 6.16 6.13 -7.96
C GLU A 33 7.13 5.99 -6.79
N GLU A 34 7.09 6.93 -5.85
CA GLU A 34 7.95 6.81 -4.68
C GLU A 34 7.48 5.69 -3.77
N ILE A 35 6.16 5.54 -3.60
CA ILE A 35 5.64 4.43 -2.82
C ILE A 35 6.07 3.10 -3.42
N ALA A 36 5.94 2.97 -4.75
CA ALA A 36 6.35 1.73 -5.41
C ALA A 36 7.80 1.42 -5.13
N LYS A 37 8.68 2.43 -5.16
CA LYS A 37 10.08 2.19 -4.86
C LYS A 37 10.27 1.68 -3.44
N LEU A 38 9.49 2.21 -2.49
CA LEU A 38 9.60 1.76 -1.12
C LEU A 38 9.05 0.34 -0.95
N LEU A 39 8.05 -0.04 -1.76
CA LEU A 39 7.54 -1.40 -1.68
C LEU A 39 8.57 -2.40 -2.21
N LYS A 40 9.25 -2.04 -3.30
CA LYS A 40 10.28 -2.93 -3.85
C LYS A 40 11.39 -3.18 -2.86
N LYS A 41 11.77 -2.14 -2.10
CA LYS A 41 12.78 -2.33 -1.06
C LYS A 41 12.27 -3.25 0.04
N ILE A 42 11.01 -3.06 0.46
CA ILE A 42 10.45 -3.92 1.50
C ILE A 42 10.51 -5.38 1.08
N ALA A 43 10.18 -5.67 -0.18
CA ALA A 43 10.24 -7.05 -0.65
C ALA A 43 11.65 -7.62 -0.52
N TRP A 44 12.67 -6.82 -0.85
CA TRP A 44 14.04 -7.29 -0.71
C TRP A 44 14.41 -7.49 0.75
N LEU A 45 13.91 -6.63 1.63
CA LEU A 45 14.21 -6.76 3.05
C LEU A 45 13.45 -7.91 3.72
N LEU A 46 12.43 -8.46 3.07
CA LEU A 46 11.68 -9.56 3.67
C LEU A 46 12.54 -10.79 3.87
N LYS A 47 13.63 -10.94 3.11
CA LYS A 47 14.50 -12.09 3.25
C LYS A 47 15.46 -11.90 4.43
N LEU A 59 14.90 -8.44 8.87
CA LEU A 59 15.08 -7.06 9.30
C LEU A 59 13.73 -6.36 9.42
N LEU A 60 12.87 -6.87 10.30
CA LEU A 60 11.54 -6.31 10.46
C LEU A 60 11.57 -4.86 10.92
N GLU A 61 12.65 -4.43 11.57
CA GLU A 61 12.71 -3.05 12.05
C GLU A 61 12.87 -2.08 10.89
N GLU A 62 13.61 -2.47 9.84
CA GLU A 62 13.79 -1.58 8.70
C GLU A 62 12.50 -1.48 7.88
N ILE A 63 11.75 -2.58 7.78
CA ILE A 63 10.50 -2.53 7.02
C ILE A 63 9.51 -1.59 7.71
N ALA A 64 9.45 -1.63 9.04
CA ALA A 64 8.53 -0.74 9.76
C ALA A 64 8.82 0.72 9.45
N GLN A 65 10.10 1.09 9.36
CA GLN A 65 10.45 2.47 9.03
C GLN A 65 9.95 2.84 7.64
N LEU A 66 10.08 1.92 6.67
CA LEU A 66 9.62 2.20 5.32
C LEU A 66 8.11 2.37 5.28
N LEU A 67 7.38 1.53 6.02
CA LEU A 67 5.92 1.66 6.06
C LEU A 67 5.50 3.02 6.59
N GLU A 68 6.25 3.59 7.53
CA GLU A 68 5.95 4.93 8.01
C GLU A 68 6.14 5.96 6.90
N GLU A 69 7.19 5.80 6.10
CA GLU A 69 7.40 6.70 4.97
C GLU A 69 6.25 6.61 3.98
N ILE A 70 5.79 5.39 3.67
CA ILE A 70 4.67 5.23 2.76
C ILE A 70 3.43 5.95 3.31
N ALA A 71 3.22 5.86 4.62
CA ALA A 71 2.09 6.55 5.22
C ALA A 71 2.21 8.06 5.06
N LYS A 72 3.43 8.60 5.18
CA LYS A 72 3.62 10.03 4.99
C LYS A 72 3.33 10.43 3.54
N LEU A 73 3.74 9.60 2.59
CA LEU A 73 3.44 9.90 1.19
C LEU A 73 1.94 9.84 0.91
N LEU A 74 1.24 8.89 1.53
CA LEU A 74 -0.21 8.81 1.38
C LEU A 74 -0.88 10.06 1.93
N LYS A 75 -0.34 10.61 3.02
CA LYS A 75 -0.90 11.84 3.59
C LYS A 75 -0.77 12.99 2.61
N LYS A 76 0.33 13.02 1.83
CA LYS A 76 0.52 14.10 0.87
C LYS A 76 -0.46 13.99 -0.29
N ILE A 77 -0.72 12.76 -0.74
CA ILE A 77 -1.70 12.58 -1.83
C ILE A 77 -3.09 13.00 -1.36
N ALA A 78 -3.43 12.68 -0.11
CA ALA A 78 -4.75 13.06 0.41
C ALA A 78 -4.88 14.57 0.49
N TRP A 79 -3.80 15.27 0.85
CA TRP A 79 -3.86 16.71 0.96
C TRP A 79 -4.11 17.37 -0.39
N LEU A 80 -3.48 16.85 -1.45
CA LEU A 80 -3.65 17.45 -2.77
C LEU A 80 -5.08 17.28 -3.27
N LEU A 81 -5.68 16.11 -3.00
CA LEU A 81 -7.04 15.86 -3.47
C LEU A 81 -8.04 16.79 -2.78
N LYS A 82 -7.83 17.06 -1.50
CA LYS A 82 -8.73 17.93 -0.76
C LYS A 82 -8.55 17.81 0.74
N LEU A 97 -13.08 13.77 -4.00
CA LEU A 97 -11.93 14.54 -3.53
C LEU A 97 -11.77 14.42 -2.01
N GLU A 98 -12.73 14.97 -1.28
CA GLU A 98 -12.68 14.89 0.18
C GLU A 98 -12.88 13.46 0.67
N GLU A 99 -13.73 12.68 -0.02
CA GLU A 99 -13.99 11.31 0.40
C GLU A 99 -12.77 10.43 0.20
N ILE A 100 -12.14 10.51 -0.97
CA ILE A 100 -10.96 9.69 -1.24
C ILE A 100 -9.84 10.06 -0.27
N ALA A 101 -9.69 11.35 0.02
CA ALA A 101 -8.65 11.78 0.95
C ALA A 101 -8.85 11.16 2.33
N GLN A 102 -10.09 11.17 2.82
CA GLN A 102 -10.36 10.56 4.11
C GLN A 102 -10.00 9.09 4.12
N LEU A 103 -10.31 8.37 3.03
CA LEU A 103 -10.00 6.95 2.96
C LEU A 103 -8.50 6.72 2.92
N LEU A 104 -7.76 7.56 2.18
CA LEU A 104 -6.32 7.42 2.15
C LEU A 104 -5.71 7.63 3.54
N GLU A 105 -6.23 8.60 4.29
CA GLU A 105 -5.73 8.83 5.64
C GLU A 105 -5.99 7.62 6.52
N GLU A 106 -7.15 6.97 6.37
CA GLU A 106 -7.43 5.76 7.12
C GLU A 106 -6.42 4.67 6.79
N ILE A 107 -6.03 4.58 5.52
CA ILE A 107 -5.01 3.59 5.13
C ILE A 107 -3.67 3.94 5.75
N ALA A 108 -3.33 5.23 5.81
CA ALA A 108 -2.08 5.64 6.42
C ALA A 108 -2.01 5.21 7.88
N LYS A 109 -3.08 5.43 8.63
CA LYS A 109 -3.10 5.01 10.04
C LYS A 109 -2.98 3.49 10.16
N LEU A 110 -3.61 2.76 9.24
CA LEU A 110 -3.51 1.30 9.28
C LEU A 110 -2.08 0.83 9.03
N LEU A 111 -1.38 1.50 8.12
CA LEU A 111 0.03 1.17 7.90
C LEU A 111 0.86 1.51 9.13
N LYS A 112 0.53 2.59 9.82
CA LYS A 112 1.24 2.93 11.05
C LYS A 112 1.03 1.85 12.10
N LYS A 113 -0.19 1.34 12.22
CA LYS A 113 -0.45 0.25 13.15
C LYS A 113 0.37 -0.98 12.79
N ILE A 114 0.49 -1.30 11.50
CA ILE A 114 1.31 -2.43 11.08
C ILE A 114 2.77 -2.18 11.46
N ALA A 115 3.24 -0.95 11.31
CA ALA A 115 4.62 -0.63 11.64
C ALA A 115 4.88 -0.82 13.12
N TRP A 116 4.00 -0.31 13.98
CA TRP A 116 4.15 -0.52 15.42
C TRP A 116 4.06 -2.00 15.77
N LEU A 117 3.25 -2.77 15.03
CA LEU A 117 3.18 -4.20 15.26
C LEU A 117 4.48 -4.89 14.88
N LEU A 118 5.11 -4.45 13.78
CA LEU A 118 6.37 -5.04 13.37
C LEU A 118 7.47 -4.74 14.39
N LYS A 119 7.55 -3.48 14.85
CA LYS A 119 8.54 -3.14 15.87
C LYS A 119 8.37 -4.00 17.12
N LYS A 120 7.13 -4.39 17.44
CA LYS A 120 6.90 -5.25 18.59
C LYS A 120 7.38 -6.66 18.33
N ILE A 121 7.26 -7.14 17.10
CA ILE A 121 7.71 -8.49 16.77
C ILE A 121 9.22 -8.59 16.85
N ALA A 122 9.93 -7.58 16.34
CA ALA A 122 11.39 -7.60 16.39
C ALA A 122 11.88 -7.65 17.83
N GLN A 123 11.21 -6.92 18.73
CA GLN A 123 11.60 -6.91 20.14
C GLN A 123 10.98 -8.09 20.87
N LEU A 132 1.18 -10.94 13.71
CA LEU A 132 1.07 -11.59 12.41
C LEU A 132 -0.38 -11.69 11.96
N GLU A 133 -1.20 -12.34 12.80
CA GLU A 133 -2.62 -12.45 12.48
C GLU A 133 -3.28 -11.08 12.47
N GLU A 134 -2.89 -10.21 13.41
CA GLU A 134 -3.43 -8.85 13.41
C GLU A 134 -3.00 -8.08 12.17
N ILE A 135 -1.76 -8.31 11.72
CA ILE A 135 -1.30 -7.65 10.49
C ILE A 135 -2.16 -8.10 9.31
N ALA A 136 -2.54 -9.38 9.27
CA ALA A 136 -3.38 -9.87 8.20
C ALA A 136 -4.72 -9.14 8.18
N GLN A 137 -5.36 -9.01 9.34
CA GLN A 137 -6.62 -8.28 9.41
C GLN A 137 -6.44 -6.83 8.98
N LEU A 138 -5.31 -6.22 9.36
CA LEU A 138 -5.05 -4.84 8.97
C LEU A 138 -4.88 -4.73 7.46
N LEU A 139 -4.23 -5.71 6.83
CA LEU A 139 -4.07 -5.68 5.38
C LEU A 139 -5.41 -5.86 4.68
N GLU A 140 -6.28 -6.71 5.22
CA GLU A 140 -7.61 -6.88 4.64
C GLU A 140 -8.40 -5.59 4.73
N GLU A 141 -8.24 -4.84 5.83
CA GLU A 141 -8.92 -3.55 5.95
C GLU A 141 -8.42 -2.58 4.89
N ILE A 142 -7.11 -2.54 4.65
CA ILE A 142 -6.58 -1.67 3.62
C ILE A 142 -7.14 -2.06 2.26
N ALA A 143 -7.26 -3.37 1.99
CA ALA A 143 -7.84 -3.82 0.73
C ALA A 143 -9.27 -3.33 0.58
N LYS A 144 -10.08 -3.49 1.63
CA LYS A 144 -11.45 -3.01 1.56
C LYS A 144 -11.52 -1.51 1.34
N LEU A 145 -10.52 -0.77 1.82
CA LEU A 145 -10.49 0.67 1.61
C LEU A 145 -10.08 1.01 0.18
N LEU A 146 -9.11 0.27 -0.37
CA LEU A 146 -8.72 0.49 -1.76
C LEU A 146 -9.88 0.25 -2.71
N LYS A 147 -10.64 -0.83 -2.50
CA LYS A 147 -11.80 -1.10 -3.34
C LYS A 147 -12.81 0.01 -3.22
N LYS A 148 -12.97 0.58 -2.03
CA LYS A 148 -13.87 1.71 -1.86
C LYS A 148 -13.41 2.91 -2.68
N ILE A 149 -12.09 3.16 -2.69
CA ILE A 149 -11.56 4.26 -3.49
C ILE A 149 -11.79 3.99 -4.98
N ALA A 150 -11.61 2.75 -5.41
CA ALA A 150 -11.84 2.41 -6.82
C ALA A 150 -13.31 2.58 -7.18
N TRP A 151 -14.22 2.21 -6.28
CA TRP A 151 -15.64 2.38 -6.55
C TRP A 151 -15.99 3.85 -6.78
N LEU A 152 -15.26 4.76 -6.14
CA LEU A 152 -15.50 6.18 -6.35
C LEU A 152 -14.92 6.66 -7.67
N LEU A 153 -13.73 6.17 -8.03
CA LEU A 153 -13.09 6.56 -9.28
C LEU A 153 -13.86 6.01 -10.47
N LEU A 176 -11.96 7.35 -15.01
CA LEU A 176 -10.74 6.67 -14.59
C LEU A 176 -11.00 5.19 -14.34
N GLU A 177 -11.75 4.56 -15.25
CA GLU A 177 -12.09 3.15 -15.08
C GLU A 177 -10.84 2.28 -15.11
N GLU A 178 -9.87 2.61 -15.97
CA GLU A 178 -8.65 1.82 -16.04
C GLU A 178 -7.89 1.87 -14.72
N ILE A 179 -7.79 3.04 -14.10
CA ILE A 179 -7.10 3.15 -12.83
C ILE A 179 -7.87 2.41 -11.75
N ALA A 180 -9.19 2.49 -11.77
CA ALA A 180 -9.99 1.78 -10.77
C ALA A 180 -9.77 0.28 -10.83
N LYS A 181 -9.60 -0.27 -12.03
CA LYS A 181 -9.36 -1.70 -12.16
C LYS A 181 -7.99 -2.08 -11.60
N LEU A 182 -6.99 -1.21 -11.79
CA LEU A 182 -5.67 -1.50 -11.25
C LEU A 182 -5.67 -1.43 -9.72
N LEU A 183 -6.52 -0.60 -9.13
CA LEU A 183 -6.62 -0.55 -7.67
C LEU A 183 -7.28 -1.81 -7.13
N LYS A 184 -8.36 -2.27 -7.77
CA LYS A 184 -9.00 -3.51 -7.33
C LYS A 184 -8.04 -4.69 -7.45
N LYS A 185 -7.22 -4.71 -8.50
CA LYS A 185 -6.22 -5.76 -8.64
C LYS A 185 -5.19 -5.68 -7.52
N ILE A 186 -4.78 -4.46 -7.14
CA ILE A 186 -3.88 -4.29 -6.02
C ILE A 186 -4.54 -4.79 -4.74
N ALA A 187 -5.83 -4.49 -4.56
CA ALA A 187 -6.54 -4.95 -3.38
C ALA A 187 -6.58 -6.48 -3.33
N TRP A 188 -6.77 -7.12 -4.48
CA TRP A 188 -6.78 -8.58 -4.52
C TRP A 188 -5.43 -9.14 -4.08
N LEU A 189 -4.34 -8.63 -4.65
CA LEU A 189 -3.01 -9.10 -4.26
C LEU A 189 -2.76 -8.85 -2.79
N LEU A 190 -3.27 -7.73 -2.26
CA LEU A 190 -3.09 -7.44 -0.85
C LEU A 190 -3.80 -8.49 0.01
N LYS A 191 -4.95 -8.99 -0.46
CA LYS A 191 -5.63 -10.05 0.25
C LYS A 191 -4.84 -11.35 0.23
N LYS A 192 -4.14 -11.61 -0.88
CA LYS A 192 -3.33 -12.82 -0.96
C LYS A 192 -2.16 -12.76 0.01
N ILE A 193 -1.49 -11.60 0.09
CA ILE A 193 -0.41 -11.44 1.05
C ILE A 193 -0.90 -11.73 2.47
N ALA A 194 -2.07 -11.20 2.83
CA ALA A 194 -2.63 -11.47 4.14
C ALA A 194 -2.81 -12.97 4.37
N GLN A 195 -3.24 -13.70 3.33
CA GLN A 195 -3.38 -15.14 3.46
C GLN A 195 -2.03 -15.82 3.66
N LEU A 196 -1.01 -15.37 2.94
CA LEU A 196 0.31 -15.97 3.09
C LEU A 196 0.88 -15.72 4.48
N LEU A 197 0.52 -14.61 5.12
CA LEU A 197 0.99 -14.35 6.47
C LEU A 197 0.49 -15.42 7.44
N GLY A 198 -0.69 -15.99 7.19
CA GLY A 198 -1.20 -17.02 8.07
C GLY A 198 -0.30 -18.24 8.13
N GLY A 199 0.16 -18.70 6.97
CA GLY A 199 1.04 -19.86 6.90
C GLY A 199 2.49 -19.50 7.24
N LEU A 206 5.37 -18.60 4.19
CA LEU A 206 6.16 -18.41 2.97
C LEU A 206 6.52 -16.95 2.78
N LEU A 207 7.80 -16.63 2.92
CA LEU A 207 8.28 -15.26 2.79
C LEU A 207 8.60 -14.89 1.35
N GLU A 208 9.10 -15.83 0.55
CA GLU A 208 9.46 -15.51 -0.83
C GLU A 208 8.24 -15.14 -1.64
N GLU A 209 7.11 -15.83 -1.42
CA GLU A 209 5.90 -15.53 -2.19
C GLU A 209 5.41 -14.11 -1.93
N ILE A 210 5.45 -13.68 -0.67
CA ILE A 210 4.99 -12.33 -0.34
C ILE A 210 5.84 -11.29 -1.05
N ALA A 211 7.16 -11.51 -1.11
CA ALA A 211 8.03 -10.56 -1.80
C ALA A 211 7.64 -10.40 -3.25
N GLN A 212 7.27 -11.51 -3.91
CA GLN A 212 6.83 -11.43 -5.31
C GLN A 212 5.51 -10.67 -5.41
N LEU A 213 4.59 -10.90 -4.48
CA LEU A 213 3.32 -10.19 -4.52
C LEU A 213 3.52 -8.69 -4.37
N LEU A 214 4.42 -8.28 -3.47
CA LEU A 214 4.69 -6.86 -3.30
C LEU A 214 5.27 -6.24 -4.56
N GLU A 215 6.16 -6.97 -5.25
CA GLU A 215 6.73 -6.46 -6.48
C GLU A 215 5.65 -6.28 -7.55
N GLU A 216 4.69 -7.20 -7.60
CA GLU A 216 3.57 -7.05 -8.52
C GLU A 216 2.76 -5.81 -8.20
N ILE A 217 2.56 -5.53 -6.91
CA ILE A 217 1.83 -4.33 -6.52
C ILE A 217 2.62 -3.09 -6.92
N ALA A 218 3.94 -3.11 -6.73
CA ALA A 218 4.76 -1.98 -7.13
C ALA A 218 4.63 -1.71 -8.63
N LYS A 219 4.59 -2.77 -9.44
CA LYS A 219 4.42 -2.59 -10.87
C LYS A 219 3.06 -1.98 -11.18
N LEU A 220 2.01 -2.42 -10.48
CA LEU A 220 0.68 -1.89 -10.73
C LEU A 220 0.58 -0.43 -10.31
N LEU A 221 1.21 -0.07 -9.18
CA LEU A 221 1.26 1.33 -8.78
C LEU A 221 2.02 2.16 -9.81
N LYS A 222 3.15 1.65 -10.29
CA LYS A 222 3.89 2.35 -11.35
C LYS A 222 3.02 2.54 -12.58
N LYS A 223 2.16 1.56 -12.88
CA LYS A 223 1.26 1.69 -14.02
C LYS A 223 0.24 2.80 -13.78
N ILE A 224 -0.33 2.86 -12.58
CA ILE A 224 -1.30 3.91 -12.27
C ILE A 224 -0.66 5.28 -12.44
N ALA A 225 0.57 5.44 -11.93
CA ALA A 225 1.27 6.72 -12.09
C ALA A 225 1.46 7.07 -13.56
N TRP A 226 1.67 6.06 -14.42
CA TRP A 226 1.86 6.34 -15.84
C TRP A 226 0.58 6.88 -16.48
N LEU A 227 -0.58 6.38 -16.04
CA LEU A 227 -1.84 6.89 -16.59
C LEU A 227 -2.13 8.29 -16.10
N LEU A 228 -1.69 8.64 -14.90
CA LEU A 228 -1.91 9.99 -14.39
C LEU A 228 -1.13 11.02 -15.21
N LYS A 229 0.13 10.72 -15.52
CA LYS A 229 0.94 11.65 -16.30
C LYS A 229 0.38 11.85 -17.70
N LYS A 230 -0.20 10.80 -18.28
CA LYS A 230 -0.75 10.89 -19.63
C LYS A 230 -2.01 11.75 -19.64
#